data_1A78
#
_entry.id   1A78
#
_cell.length_a   51.800
_cell.length_b   51.000
_cell.length_c   56.300
_cell.angle_alpha   90.00
_cell.angle_beta   97.20
_cell.angle_gamma   90.00
#
_symmetry.space_group_name_H-M   'P 1 21 1'
#
loop_
_entity.id
_entity.type
_entity.pdbx_description
1 polymer GALECTIN-1
2 branched beta-D-galactopyranose-(1-1)-1-thio-beta-D-galactopyranose
3 non-polymer 2,3-DIHYDROXY-1,4-DITHIOBUTANE
4 water water
#
_entity_poly.entity_id   1
_entity_poly.type   'polypeptide(L)'
_entity_poly.pdbx_seq_one_letter_code
;ASAGVAVTNLNLKPGHCVEIKGSIPPDCKGFAVNLGEDASNFLLHFNARFDLHGDVNKIVCNSKEADAWGSEQREEVFPF
QQGAEVMVCFEYQTQKIIIKFSSGDQFSFPVRKVLPSIPFLSLEGLAFKSITTE
;
_entity_poly.pdbx_strand_id   A,B
#
# COMPACT_ATOMS: atom_id res chain seq x y z
N ALA A 1 -15.83 -8.58 11.96
CA ALA A 1 -15.54 -8.87 10.52
C ALA A 1 -15.44 -7.55 9.77
N SER A 2 -14.29 -7.35 9.13
CA SER A 2 -13.90 -6.18 8.33
C SER A 2 -12.73 -5.38 8.93
N ALA A 3 -11.56 -5.60 8.36
CA ALA A 3 -10.32 -4.93 8.76
C ALA A 3 -9.81 -4.25 7.48
N GLY A 4 -8.91 -4.92 6.75
CA GLY A 4 -8.41 -4.33 5.52
C GLY A 4 -6.94 -4.49 5.19
N VAL A 5 -6.49 -3.59 4.33
CA VAL A 5 -5.12 -3.55 3.85
C VAL A 5 -4.08 -3.35 4.92
N ALA A 6 -2.95 -4.07 4.77
CA ALA A 6 -1.81 -3.95 5.67
C ALA A 6 -0.59 -3.75 4.78
N VAL A 7 0.17 -2.68 5.03
CA VAL A 7 1.36 -2.34 4.25
C VAL A 7 2.54 -2.54 5.14
N THR A 8 3.58 -3.21 4.63
CA THR A 8 4.78 -3.43 5.42
C THR A 8 5.93 -2.82 4.67
N ASN A 9 7.02 -2.48 5.34
CA ASN A 9 8.17 -1.83 4.69
C ASN A 9 7.81 -0.41 4.20
N LEU A 10 6.84 0.24 4.85
CA LEU A 10 6.44 1.58 4.46
C LEU A 10 7.60 2.58 4.57
N ASN A 11 8.55 2.29 5.47
CA ASN A 11 9.71 3.14 5.73
C ASN A 11 9.44 4.64 5.83
N LEU A 12 8.51 5.02 6.68
CA LEU A 12 8.22 6.44 6.86
C LEU A 12 9.22 6.99 7.86
N LYS A 13 10.07 7.91 7.42
CA LYS A 13 11.10 8.50 8.27
C LYS A 13 10.60 9.87 8.66
N PRO A 14 11.17 10.45 9.73
CA PRO A 14 10.67 11.78 10.12
C PRO A 14 10.81 12.80 8.98
N GLY A 15 9.85 13.72 8.93
CA GLY A 15 9.84 14.72 7.91
C GLY A 15 9.17 14.20 6.67
N HIS A 16 8.47 13.07 6.77
CA HIS A 16 7.75 12.52 5.60
C HIS A 16 6.34 12.21 5.98
N CYS A 17 5.50 11.94 5.00
CA CYS A 17 4.13 11.69 5.33
C CYS A 17 3.50 10.64 4.46
N VAL A 18 2.33 10.19 4.88
CA VAL A 18 1.56 9.20 4.15
C VAL A 18 0.12 9.69 4.16
N GLU A 19 -0.53 9.63 3.01
CA GLU A 19 -1.90 10.06 2.88
C GLU A 19 -2.71 8.85 2.46
N ILE A 20 -3.75 8.51 3.24
CA ILE A 20 -4.60 7.38 2.93
C ILE A 20 -5.91 7.93 2.38
N LYS A 21 -6.52 7.21 1.45
CA LYS A 21 -7.77 7.62 0.84
C LYS A 21 -8.60 6.35 0.69
N GLY A 22 -9.87 6.42 1.09
CA GLY A 22 -10.70 5.24 1.02
C GLY A 22 -12.17 5.57 1.16
N SER A 23 -12.99 4.52 1.21
CA SER A 23 -14.42 4.69 1.37
C SER A 23 -14.97 4.14 2.67
N ILE A 24 -15.81 4.96 3.31
CA ILE A 24 -16.47 4.63 4.56
C ILE A 24 -17.79 3.98 4.21
N PRO A 25 -18.04 2.79 4.77
CA PRO A 25 -19.32 2.10 4.50
C PRO A 25 -20.52 2.94 5.04
N PRO A 26 -21.71 2.75 4.47
CA PRO A 26 -22.91 3.50 4.89
C PRO A 26 -23.36 3.12 6.30
N ASP A 27 -23.02 1.90 6.72
CA ASP A 27 -23.36 1.43 8.04
C ASP A 27 -22.04 1.09 8.69
N CYS A 28 -21.29 2.12 9.03
CA CYS A 28 -19.99 1.95 9.65
C CYS A 28 -20.03 2.50 11.06
N LYS A 29 -19.74 1.65 12.02
CA LYS A 29 -19.75 2.04 13.43
C LYS A 29 -18.51 2.88 13.74
N GLY A 30 -17.41 2.55 13.06
CA GLY A 30 -16.16 3.28 13.25
C GLY A 30 -15.07 2.65 12.39
N PHE A 31 -13.99 3.38 12.12
CA PHE A 31 -12.88 2.81 11.34
C PHE A 31 -11.58 3.27 11.97
N ALA A 32 -10.48 2.61 11.60
CA ALA A 32 -9.17 2.90 12.14
C ALA A 32 -8.07 2.86 11.09
N VAL A 33 -6.98 3.54 11.41
CA VAL A 33 -5.77 3.58 10.60
C VAL A 33 -4.66 3.40 11.62
N ASN A 34 -3.81 2.40 11.43
CA ASN A 34 -2.74 2.15 12.39
C ASN A 34 -1.36 2.35 11.79
N LEU A 35 -0.43 2.88 12.58
CA LEU A 35 0.95 3.12 12.15
C LEU A 35 1.83 2.63 13.30
N GLY A 36 2.87 1.87 12.99
CA GLY A 36 3.73 1.36 14.03
C GLY A 36 4.69 0.31 13.49
N GLU A 37 4.97 -0.70 14.31
CA GLU A 37 5.89 -1.78 13.93
C GLU A 37 5.24 -3.03 13.40
N ASP A 38 4.09 -3.38 13.97
CA ASP A 38 3.36 -4.57 13.60
C ASP A 38 1.96 -4.52 14.22
N ALA A 39 1.22 -5.62 14.13
CA ALA A 39 -0.13 -5.69 14.66
C ALA A 39 -0.27 -5.57 16.18
N SER A 40 0.82 -5.67 16.92
CA SER A 40 0.74 -5.56 18.38
C SER A 40 1.44 -4.34 18.91
N ASN A 41 2.00 -3.51 18.02
CA ASN A 41 2.73 -2.33 18.45
C ASN A 41 2.40 -1.21 17.52
N PHE A 42 1.58 -0.26 18.00
CA PHE A 42 1.18 0.90 17.21
C PHE A 42 1.77 2.15 17.83
N LEU A 43 2.36 2.99 17.01
CA LEU A 43 2.89 4.26 17.47
C LEU A 43 1.63 5.12 17.53
N LEU A 44 0.73 4.88 16.59
CA LEU A 44 -0.54 5.59 16.52
C LEU A 44 -1.68 4.72 16.04
N HIS A 45 -2.74 4.63 16.84
CA HIS A 45 -3.99 3.95 16.49
C HIS A 45 -4.99 5.12 16.43
N PHE A 46 -5.42 5.45 15.20
CA PHE A 46 -6.34 6.52 14.90
C PHE A 46 -7.72 5.91 14.68
N ASN A 47 -8.61 6.04 15.64
CA ASN A 47 -9.93 5.42 15.54
C ASN A 47 -11.10 6.44 15.49
N ALA A 48 -11.75 6.57 14.33
CA ALA A 48 -12.88 7.48 14.19
C ALA A 48 -14.14 6.69 14.52
N ARG A 49 -14.74 7.00 15.66
CA ARG A 49 -15.95 6.33 16.15
C ARG A 49 -17.27 7.01 15.85
N PHE A 50 -18.01 6.48 14.89
CA PHE A 50 -19.32 7.02 14.56
C PHE A 50 -20.25 6.73 15.74
N ASP A 51 -20.28 5.47 16.17
CA ASP A 51 -21.10 5.07 17.28
C ASP A 51 -20.44 3.81 17.80
N LEU A 52 -19.50 3.94 18.73
CA LEU A 52 -18.80 2.79 19.25
C LEU A 52 -18.34 2.95 20.70
N HIS A 53 -18.69 1.96 21.56
CA HIS A 53 -18.32 1.97 22.98
C HIS A 53 -18.75 3.21 23.73
N GLY A 54 -19.90 3.77 23.40
CA GLY A 54 -20.34 4.98 24.07
C GLY A 54 -19.77 6.26 23.45
N ASP A 55 -18.82 6.14 22.52
CA ASP A 55 -18.24 7.30 21.82
C ASP A 55 -19.08 7.48 20.54
N VAL A 56 -19.71 8.62 20.38
CA VAL A 56 -20.55 8.85 19.21
C VAL A 56 -19.86 10.01 18.50
N ASN A 57 -19.57 9.84 17.20
CA ASN A 57 -18.87 10.87 16.42
C ASN A 57 -17.65 11.45 17.12
N LYS A 58 -16.75 10.60 17.57
CA LYS A 58 -15.55 11.07 18.27
C LYS A 58 -14.34 10.39 17.64
N ILE A 59 -13.16 10.94 17.88
CA ILE A 59 -11.91 10.39 17.37
C ILE A 59 -11.10 9.98 18.59
N VAL A 60 -10.71 8.72 18.66
CA VAL A 60 -9.89 8.26 19.78
C VAL A 60 -8.50 7.88 19.24
N CYS A 61 -7.43 8.35 19.86
CA CYS A 61 -6.09 8.01 19.40
C CYS A 61 -5.36 7.37 20.54
N ASN A 62 -4.53 6.38 20.24
CA ASN A 62 -3.78 5.72 21.31
C ASN A 62 -2.55 5.05 20.74
N SER A 63 -1.66 4.59 21.61
CA SER A 63 -0.46 3.89 21.20
C SER A 63 -0.65 2.50 21.79
N LYS A 64 0.09 1.53 21.28
CA LYS A 64 0.00 0.17 21.74
C LYS A 64 1.39 -0.43 21.69
N GLU A 65 1.80 -1.05 22.79
CA GLU A 65 3.10 -1.70 22.85
C GLU A 65 2.91 -3.09 23.44
N ALA A 66 3.18 -4.11 22.65
CA ALA A 66 3.03 -5.49 23.10
C ALA A 66 1.58 -5.78 23.49
N ASP A 67 0.66 -5.27 22.67
CA ASP A 67 -0.78 -5.47 22.87
C ASP A 67 -1.43 -4.72 24.03
N ALA A 68 -0.64 -3.96 24.75
CA ALA A 68 -1.14 -3.18 25.86
C ALA A 68 -1.38 -1.74 25.40
N TRP A 69 -2.65 -1.34 25.36
CA TRP A 69 -3.00 0.02 24.98
C TRP A 69 -2.46 1.03 25.99
N GLY A 70 -2.15 2.23 25.52
CA GLY A 70 -1.63 3.30 26.39
C GLY A 70 -2.72 4.30 26.75
N SER A 71 -2.36 5.54 27.01
CA SER A 71 -3.39 6.53 27.37
C SER A 71 -4.11 7.09 26.18
N GLU A 72 -5.43 6.95 26.16
CA GLU A 72 -6.21 7.46 25.05
C GLU A 72 -6.17 8.98 25.04
N GLN A 73 -6.30 9.55 23.85
CA GLN A 73 -6.35 10.99 23.64
C GLN A 73 -7.57 11.12 22.76
N ARG A 74 -8.65 11.68 23.30
CA ARG A 74 -9.85 11.84 22.50
C ARG A 74 -9.86 13.20 21.81
N GLU A 75 -10.67 13.35 20.77
CA GLU A 75 -10.76 14.61 20.04
C GLU A 75 -12.19 14.75 19.58
N GLU A 76 -12.67 15.98 19.54
CA GLU A 76 -14.04 16.27 19.16
C GLU A 76 -14.32 16.61 17.68
N VAL A 77 -13.31 17.01 16.92
CA VAL A 77 -13.51 17.31 15.51
C VAL A 77 -13.76 15.98 14.79
N PHE A 78 -14.83 15.92 14.03
CA PHE A 78 -15.21 14.70 13.31
C PHE A 78 -15.69 15.03 11.90
N PRO A 79 -14.76 15.16 10.97
CA PRO A 79 -15.13 15.49 9.60
C PRO A 79 -15.44 14.28 8.72
N PHE A 80 -16.18 13.30 9.23
CA PHE A 80 -16.49 12.10 8.45
C PHE A 80 -17.97 11.77 8.32
N GLN A 81 -18.35 11.24 7.17
CA GLN A 81 -19.73 10.84 6.87
C GLN A 81 -19.72 9.37 6.48
N GLN A 82 -20.77 8.67 6.88
CA GLN A 82 -20.90 7.26 6.53
C GLN A 82 -21.20 7.18 5.04
N GLY A 83 -20.89 6.04 4.45
CA GLY A 83 -21.13 5.84 3.05
C GLY A 83 -20.44 6.87 2.17
N ALA A 84 -19.37 7.49 2.65
CA ALA A 84 -18.62 8.50 1.86
C ALA A 84 -17.12 8.22 1.82
N GLU A 85 -16.39 9.02 1.06
CA GLU A 85 -14.94 8.87 0.93
C GLU A 85 -14.15 9.71 1.92
N VAL A 86 -13.04 9.18 2.41
CA VAL A 86 -12.22 9.94 3.33
C VAL A 86 -10.77 10.00 2.86
N MET A 87 -10.05 11.00 3.36
CA MET A 87 -8.64 11.16 3.04
C MET A 87 -7.96 11.78 4.25
N VAL A 88 -7.00 11.07 4.84
CA VAL A 88 -6.27 11.53 6.02
C VAL A 88 -4.77 11.48 5.72
N CYS A 89 -4.01 12.39 6.30
CA CYS A 89 -2.57 12.42 6.11
C CYS A 89 -1.91 12.46 7.47
N PHE A 90 -0.78 11.77 7.57
CA PHE A 90 -0.02 11.67 8.79
C PHE A 90 1.39 12.05 8.46
N GLU A 91 1.91 13.01 9.19
CA GLU A 91 3.25 13.49 9.01
C GLU A 91 3.99 13.05 10.25
N TYR A 92 5.16 12.45 10.06
CA TYR A 92 5.96 11.95 11.16
C TYR A 92 7.12 12.86 11.46
N GLN A 93 7.19 13.29 12.71
CA GLN A 93 8.27 14.12 13.22
C GLN A 93 8.76 13.29 14.42
N THR A 94 10.03 13.39 14.79
CA THR A 94 10.55 12.57 15.88
C THR A 94 9.87 12.68 17.25
N GLN A 95 9.09 13.75 17.43
CA GLN A 95 8.46 14.02 18.71
C GLN A 95 6.94 13.86 18.70
N LYS A 96 6.34 14.03 17.54
CA LYS A 96 4.89 13.94 17.42
C LYS A 96 4.51 13.59 15.98
N ILE A 97 3.26 13.15 15.80
CA ILE A 97 2.76 12.82 14.49
C ILE A 97 1.65 13.81 14.27
N ILE A 98 1.68 14.51 13.14
CA ILE A 98 0.66 15.49 12.84
C ILE A 98 -0.38 14.84 11.92
N ILE A 99 -1.65 14.91 12.30
CA ILE A 99 -2.75 14.35 11.52
C ILE A 99 -3.54 15.51 10.88
N LYS A 100 -3.76 15.45 9.57
CA LYS A 100 -4.48 16.51 8.87
C LYS A 100 -5.61 15.92 8.06
N PHE A 101 -6.73 16.61 8.06
CA PHE A 101 -7.94 16.17 7.38
C PHE A 101 -8.12 17.01 6.12
N SER A 102 -8.79 16.45 5.13
CA SER A 102 -9.02 17.17 3.88
C SER A 102 -9.68 18.50 4.20
N SER A 103 -10.38 18.51 5.33
CA SER A 103 -11.10 19.67 5.84
C SER A 103 -10.17 20.77 6.36
N GLY A 104 -8.87 20.63 6.16
CA GLY A 104 -7.94 21.63 6.67
C GLY A 104 -7.64 21.39 8.13
N ASP A 105 -8.56 20.73 8.85
CA ASP A 105 -8.36 20.44 10.26
C ASP A 105 -7.09 19.66 10.51
N GLN A 106 -6.54 19.83 11.71
CA GLN A 106 -5.29 19.18 12.06
C GLN A 106 -5.07 19.12 13.57
N PHE A 107 -4.37 18.08 14.04
CA PHE A 107 -4.02 17.95 15.45
C PHE A 107 -2.83 17.01 15.54
N SER A 108 -2.17 16.95 16.68
CA SER A 108 -1.04 16.05 16.76
C SER A 108 -1.22 15.04 17.88
N PHE A 109 -0.39 13.98 17.87
CA PHE A 109 -0.36 12.92 18.87
C PHE A 109 1.10 12.75 19.21
N PRO A 110 1.45 12.53 20.49
CA PRO A 110 2.86 12.37 20.83
C PRO A 110 3.47 11.01 20.43
N VAL A 111 4.75 11.04 20.07
CA VAL A 111 5.47 9.84 19.71
C VAL A 111 6.02 9.29 21.01
N ARG A 112 5.39 8.24 21.51
CA ARG A 112 5.81 7.63 22.78
C ARG A 112 7.03 6.74 22.64
N LYS A 113 7.45 6.53 21.40
CA LYS A 113 8.62 5.72 21.10
C LYS A 113 9.16 6.15 19.76
N VAL A 114 10.37 6.69 19.73
CA VAL A 114 10.93 7.12 18.47
C VAL A 114 11.63 5.97 17.76
N LEU A 115 11.15 5.72 16.55
CA LEU A 115 11.64 4.67 15.68
C LEU A 115 12.43 5.36 14.59
N PRO A 116 13.52 4.73 14.12
CA PRO A 116 14.34 5.31 13.04
C PRO A 116 13.46 5.53 11.78
N SER A 117 12.41 4.72 11.65
CA SER A 117 11.46 4.83 10.56
C SER A 117 10.26 3.99 10.97
N ILE A 118 9.11 4.23 10.35
CA ILE A 118 7.87 3.51 10.63
C ILE A 118 7.60 2.43 9.55
N PRO A 119 7.78 1.15 9.92
CA PRO A 119 7.59 0.00 9.04
C PRO A 119 6.22 -0.43 8.62
N PHE A 120 5.22 -0.24 9.48
CA PHE A 120 3.88 -0.79 9.24
C PHE A 120 2.69 0.14 9.24
N LEU A 121 1.69 -0.23 8.42
CA LEU A 121 0.45 0.53 8.31
C LEU A 121 -0.68 -0.44 8.01
N SER A 122 -1.84 -0.27 8.64
CA SER A 122 -2.99 -1.11 8.35
C SER A 122 -4.26 -0.30 8.54
N LEU A 123 -5.32 -0.72 7.86
CA LEU A 123 -6.62 -0.07 7.92
C LEU A 123 -7.62 -1.07 8.46
N GLU A 124 -8.64 -0.61 9.13
CA GLU A 124 -9.66 -1.50 9.63
C GLU A 124 -11.02 -0.90 9.32
N GLY A 125 -11.87 -1.65 8.63
CA GLY A 125 -13.20 -1.16 8.34
C GLY A 125 -13.29 0.07 7.47
N LEU A 126 -12.38 0.19 6.52
CA LEU A 126 -12.33 1.32 5.61
C LEU A 126 -11.88 0.72 4.27
N ALA A 127 -12.63 1.00 3.21
CA ALA A 127 -12.28 0.48 1.89
C ALA A 127 -11.13 1.29 1.29
N PHE A 128 -10.01 0.63 1.05
CA PHE A 128 -8.81 1.22 0.49
C PHE A 128 -8.98 1.69 -0.96
N LYS A 129 -8.47 2.86 -1.28
CA LYS A 129 -8.53 3.34 -2.65
C LYS A 129 -7.09 3.67 -3.08
N SER A 130 -6.34 4.31 -2.19
CA SER A 130 -4.97 4.68 -2.45
C SER A 130 -4.17 5.06 -1.20
N ILE A 131 -2.85 4.99 -1.33
CA ILE A 131 -1.90 5.32 -0.29
C ILE A 131 -0.76 6.04 -1.01
N THR A 132 -0.34 7.18 -0.50
CA THR A 132 0.70 7.96 -1.14
C THR A 132 1.73 8.45 -0.14
N THR A 133 3.02 8.25 -0.44
CA THR A 133 4.07 8.74 0.44
C THR A 133 4.72 9.94 -0.23
N GLU A 134 5.25 10.81 0.59
CA GLU A 134 5.87 12.03 0.14
C GLU A 134 6.82 12.37 1.27
N ALA B 1 19.01 0.63 -4.22
CA ALA B 1 18.99 1.62 -3.11
C ALA B 1 17.59 1.63 -2.48
N SER B 2 17.11 0.44 -2.13
CA SER B 2 15.80 0.29 -1.53
C SER B 2 15.47 -1.18 -1.28
N ALA B 3 14.34 -1.39 -0.61
CA ALA B 3 13.80 -2.70 -0.29
C ALA B 3 12.31 -2.43 -0.47
N GLY B 4 11.65 -3.25 -1.29
CA GLY B 4 10.24 -3.03 -1.58
C GLY B 4 9.16 -3.08 -0.52
N VAL B 5 8.09 -2.35 -0.81
CA VAL B 5 6.94 -2.31 0.07
C VAL B 5 6.14 -3.56 -0.25
N ALA B 6 5.36 -4.02 0.71
CA ALA B 6 4.51 -5.19 0.55
C ALA B 6 3.09 -4.81 0.98
N VAL B 7 2.10 -5.28 0.24
CA VAL B 7 0.71 -5.00 0.57
C VAL B 7 -0.10 -6.32 0.64
N THR B 8 -0.77 -6.54 1.77
CA THR B 8 -1.61 -7.72 1.97
C THR B 8 -3.06 -7.33 2.05
N ASN B 9 -3.93 -8.27 1.72
CA ASN B 9 -5.37 -8.03 1.72
C ASN B 9 -5.75 -7.00 0.68
N LEU B 10 -5.00 -6.97 -0.41
CA LEU B 10 -5.28 -6.06 -1.52
C LEU B 10 -6.61 -6.46 -2.10
N ASN B 11 -6.87 -7.76 -2.13
CA ASN B 11 -8.11 -8.29 -2.65
C ASN B 11 -8.51 -7.78 -4.03
N LEU B 12 -7.59 -7.88 -4.98
CA LEU B 12 -7.88 -7.45 -6.34
C LEU B 12 -8.77 -8.49 -6.99
N LYS B 13 -9.91 -8.06 -7.51
CA LYS B 13 -10.86 -8.95 -8.15
C LYS B 13 -10.87 -8.83 -9.68
N PRO B 14 -11.29 -9.90 -10.38
CA PRO B 14 -11.35 -9.85 -11.83
C PRO B 14 -12.13 -8.59 -12.23
N GLY B 15 -11.69 -7.93 -13.29
CA GLY B 15 -12.34 -6.73 -13.76
C GLY B 15 -11.86 -5.45 -13.11
N HIS B 16 -10.82 -5.53 -12.29
CA HIS B 16 -10.28 -4.36 -11.61
C HIS B 16 -8.81 -4.13 -11.88
N CYS B 17 -8.30 -3.02 -11.37
CA CYS B 17 -6.92 -2.67 -11.62
C CYS B 17 -6.17 -2.08 -10.42
N VAL B 18 -4.84 -2.16 -10.49
CA VAL B 18 -3.93 -1.58 -9.51
C VAL B 18 -2.93 -0.76 -10.32
N GLU B 19 -2.73 0.49 -9.92
CA GLU B 19 -1.81 1.38 -10.59
C GLU B 19 -0.73 1.73 -9.58
N ILE B 20 0.52 1.49 -9.95
CA ILE B 20 1.68 1.80 -9.12
C ILE B 20 2.35 3.03 -9.75
N LYS B 21 2.82 3.96 -8.93
CA LYS B 21 3.48 5.15 -9.41
C LYS B 21 4.74 5.12 -8.57
N GLY B 22 5.91 5.06 -9.17
CA GLY B 22 7.10 4.99 -8.33
C GLY B 22 8.33 5.55 -8.98
N SER B 23 9.46 5.46 -8.31
CA SER B 23 10.70 5.98 -8.86
C SER B 23 11.83 4.95 -8.89
N ILE B 24 12.49 4.91 -10.04
CA ILE B 24 13.61 4.01 -10.29
C ILE B 24 14.94 4.65 -9.90
N PRO B 25 15.66 4.02 -8.95
CA PRO B 25 16.96 4.57 -8.52
C PRO B 25 17.87 4.70 -9.74
N PRO B 26 18.79 5.67 -9.72
CA PRO B 26 19.73 5.92 -10.82
C PRO B 26 20.92 4.94 -10.86
N ASP B 27 20.65 3.70 -10.54
CA ASP B 27 21.69 2.70 -10.53
C ASP B 27 21.00 1.38 -10.31
N CYS B 28 19.70 1.41 -10.60
CA CYS B 28 18.83 0.28 -10.47
C CYS B 28 19.22 -0.75 -11.53
N LYS B 29 19.53 -1.98 -11.10
CA LYS B 29 19.89 -3.05 -12.05
C LYS B 29 18.60 -3.59 -12.67
N GLY B 30 17.52 -3.54 -11.89
CA GLY B 30 16.22 -3.99 -12.33
C GLY B 30 15.22 -3.79 -11.20
N PHE B 31 13.93 -3.83 -11.52
CA PHE B 31 12.93 -3.70 -10.47
C PHE B 31 11.82 -4.71 -10.75
N ALA B 32 11.01 -5.01 -9.74
CA ALA B 32 9.94 -5.99 -9.89
C ALA B 32 8.62 -5.64 -9.16
N VAL B 33 7.51 -6.07 -9.75
CA VAL B 33 6.17 -5.90 -9.20
C VAL B 33 5.62 -7.33 -9.19
N ASN B 34 5.26 -7.81 -8.01
CA ASN B 34 4.75 -9.18 -7.86
C ASN B 34 3.32 -9.15 -7.43
N LEU B 35 2.46 -9.87 -8.14
CA LEU B 35 1.05 -9.97 -7.76
C LEU B 35 0.78 -11.46 -7.46
N GLY B 36 0.32 -11.77 -6.25
CA GLY B 36 0.05 -13.16 -5.92
C GLY B 36 -0.67 -13.43 -4.62
N GLU B 37 -0.16 -14.40 -3.87
CA GLU B 37 -0.72 -14.80 -2.59
C GLU B 37 0.31 -14.61 -1.48
N ASP B 38 1.58 -14.82 -1.83
CA ASP B 38 2.68 -14.66 -0.88
C ASP B 38 3.98 -14.68 -1.67
N ALA B 39 5.10 -14.52 -0.99
CA ALA B 39 6.43 -14.52 -1.62
C ALA B 39 6.89 -15.89 -2.16
N SER B 40 5.95 -16.78 -2.37
CA SER B 40 6.28 -18.11 -2.86
C SER B 40 5.26 -18.48 -3.92
N ASN B 41 4.26 -17.60 -4.09
CA ASN B 41 3.20 -17.85 -5.03
C ASN B 41 2.84 -16.56 -5.71
N PHE B 42 3.23 -16.43 -6.98
CA PHE B 42 2.96 -15.23 -7.76
C PHE B 42 2.18 -15.59 -8.99
N LEU B 43 1.12 -14.85 -9.24
CA LEU B 43 0.32 -15.05 -10.43
C LEU B 43 1.10 -14.31 -11.53
N LEU B 44 1.75 -13.23 -11.13
CA LEU B 44 2.56 -12.44 -12.03
C LEU B 44 3.76 -11.83 -11.33
N HIS B 45 4.93 -12.12 -11.87
CA HIS B 45 6.18 -11.56 -11.42
C HIS B 45 6.60 -10.73 -12.65
N PHE B 46 6.53 -9.41 -12.50
CA PHE B 46 6.89 -8.48 -13.57
C PHE B 46 8.28 -7.94 -13.23
N ASN B 47 9.27 -8.28 -14.04
CA ASN B 47 10.63 -7.84 -13.78
C ASN B 47 11.22 -6.99 -14.94
N ALA B 48 11.52 -5.72 -14.67
CA ALA B 48 12.11 -4.86 -15.70
C ALA B 48 13.58 -4.87 -15.41
N ARG B 49 14.35 -5.49 -16.30
CA ARG B 49 15.81 -5.61 -16.14
C ARG B 49 16.57 -4.62 -16.97
N PHE B 50 17.35 -3.80 -16.28
CA PHE B 50 18.19 -2.80 -16.95
C PHE B 50 19.41 -3.56 -17.43
N ASP B 51 20.07 -4.21 -16.50
CA ASP B 51 21.23 -5.05 -16.77
C ASP B 51 21.26 -6.04 -15.61
N LEU B 52 20.61 -7.20 -15.80
CA LEU B 52 20.49 -8.20 -14.75
C LEU B 52 20.15 -9.60 -15.27
N HIS B 53 20.85 -10.61 -14.73
CA HIS B 53 20.66 -12.03 -15.12
C HIS B 53 20.87 -12.23 -16.64
N GLY B 54 21.75 -11.40 -17.20
CA GLY B 54 22.07 -11.46 -18.63
C GLY B 54 21.08 -10.75 -19.54
N ASP B 55 20.14 -10.02 -18.96
CA ASP B 55 19.20 -9.30 -19.74
C ASP B 55 19.56 -7.82 -19.61
N VAL B 56 19.48 -7.11 -20.72
CA VAL B 56 19.78 -5.68 -20.78
C VAL B 56 18.55 -5.06 -21.42
N ASN B 57 17.92 -4.14 -20.68
CA ASN B 57 16.69 -3.45 -21.11
C ASN B 57 15.63 -4.44 -21.58
N LYS B 58 15.30 -5.41 -20.75
CA LYS B 58 14.29 -6.36 -21.15
C LYS B 58 13.30 -6.64 -20.03
N ILE B 59 12.02 -6.78 -20.37
CA ILE B 59 10.97 -7.09 -19.40
C ILE B 59 10.75 -8.62 -19.37
N VAL B 60 10.89 -9.22 -18.18
CA VAL B 60 10.64 -10.64 -18.02
C VAL B 60 9.47 -10.90 -17.06
N CYS B 61 8.41 -11.54 -17.55
CA CYS B 61 7.24 -11.89 -16.72
C CYS B 61 7.23 -13.39 -16.46
N ASN B 62 6.62 -13.80 -15.37
CA ASN B 62 6.56 -15.21 -15.04
C ASN B 62 5.68 -15.39 -13.80
N SER B 63 5.33 -16.62 -13.47
CA SER B 63 4.53 -16.90 -12.30
C SER B 63 5.37 -17.77 -11.40
N LYS B 64 4.96 -17.96 -10.16
CA LYS B 64 5.70 -18.79 -9.24
C LYS B 64 4.69 -19.58 -8.43
N GLU B 65 4.97 -20.86 -8.23
CA GLU B 65 4.04 -21.70 -7.51
C GLU B 65 4.86 -22.53 -6.59
N ALA B 66 4.63 -22.36 -5.30
CA ALA B 66 5.34 -23.12 -4.29
C ALA B 66 6.85 -22.99 -4.45
N ASP B 67 7.31 -21.75 -4.59
CA ASP B 67 8.74 -21.45 -4.73
C ASP B 67 9.34 -21.91 -6.06
N ALA B 68 8.49 -22.25 -7.04
CA ALA B 68 9.02 -22.71 -8.32
C ALA B 68 8.57 -21.85 -9.51
N TRP B 69 9.54 -21.25 -10.18
CA TRP B 69 9.26 -20.43 -11.35
C TRP B 69 8.72 -21.20 -12.56
N GLY B 70 7.74 -20.58 -13.23
CA GLY B 70 7.12 -21.15 -14.40
C GLY B 70 7.92 -20.74 -15.63
N SER B 71 7.28 -20.73 -16.79
CA SER B 71 7.94 -20.36 -18.02
C SER B 71 7.84 -18.86 -18.22
N GLU B 72 8.98 -18.24 -18.51
CA GLU B 72 9.11 -16.80 -18.75
C GLU B 72 8.55 -16.32 -20.08
N GLN B 73 8.06 -15.08 -20.09
CA GLN B 73 7.55 -14.41 -21.28
C GLN B 73 8.38 -13.13 -21.32
N ARG B 74 9.24 -13.01 -22.33
CA ARG B 74 10.11 -11.84 -22.47
C ARG B 74 9.44 -10.84 -23.36
N GLU B 75 9.67 -9.56 -23.08
CA GLU B 75 9.08 -8.49 -23.87
C GLU B 75 10.15 -7.52 -24.36
N GLU B 76 10.06 -7.16 -25.64
CA GLU B 76 11.00 -6.25 -26.30
C GLU B 76 10.84 -4.82 -25.86
N VAL B 77 9.60 -4.36 -25.76
CA VAL B 77 9.32 -2.99 -25.34
C VAL B 77 9.88 -2.75 -23.93
N PHE B 78 10.72 -1.71 -23.83
CA PHE B 78 11.33 -1.33 -22.56
C PHE B 78 11.32 0.19 -22.40
N PRO B 79 10.14 0.76 -22.14
CA PRO B 79 9.93 2.21 -21.97
C PRO B 79 10.55 2.87 -20.75
N PHE B 80 11.51 2.21 -20.13
CA PHE B 80 12.12 2.77 -18.93
C PHE B 80 13.58 3.20 -19.07
N GLN B 81 14.01 4.01 -18.11
CA GLN B 81 15.38 4.47 -18.00
C GLN B 81 15.65 4.74 -16.53
N GLN B 82 16.83 4.39 -16.07
CA GLN B 82 17.23 4.58 -14.69
C GLN B 82 16.97 6.01 -14.26
N GLY B 83 16.57 6.19 -13.01
CA GLY B 83 16.31 7.52 -12.48
C GLY B 83 14.96 8.11 -12.82
N ALA B 84 14.23 7.49 -13.74
CA ALA B 84 12.93 8.01 -14.12
C ALA B 84 11.83 7.57 -13.14
N GLU B 85 10.60 7.96 -13.47
CA GLU B 85 9.44 7.60 -12.70
C GLU B 85 8.57 6.66 -13.52
N VAL B 86 8.20 5.54 -12.91
CA VAL B 86 7.39 4.53 -13.57
C VAL B 86 5.92 4.79 -13.23
N MET B 87 5.02 4.43 -14.12
CA MET B 87 3.60 4.57 -13.90
C MET B 87 2.98 3.34 -14.56
N VAL B 88 2.82 2.26 -13.79
CA VAL B 88 2.27 1.03 -14.33
C VAL B 88 0.90 0.68 -13.80
N CYS B 89 0.08 0.10 -14.66
CA CYS B 89 -1.26 -0.27 -14.32
C CYS B 89 -1.51 -1.73 -14.67
N PHE B 90 -1.99 -2.51 -13.71
CA PHE B 90 -2.27 -3.92 -13.93
C PHE B 90 -3.75 -4.19 -13.83
N GLU B 91 -4.36 -4.61 -14.92
CA GLU B 91 -5.77 -4.94 -14.90
C GLU B 91 -5.90 -6.45 -14.87
N TYR B 92 -6.65 -6.94 -13.88
CA TYR B 92 -6.86 -8.34 -13.70
C TYR B 92 -8.07 -8.85 -14.43
N GLN B 93 -7.87 -9.76 -15.37
CA GLN B 93 -8.95 -10.39 -16.13
C GLN B 93 -8.72 -11.87 -15.81
N THR B 94 -9.77 -12.67 -15.77
CA THR B 94 -9.60 -14.08 -15.42
C THR B 94 -8.69 -14.82 -16.39
N GLN B 95 -8.67 -14.36 -17.63
CA GLN B 95 -7.84 -14.94 -18.66
C GLN B 95 -6.42 -14.39 -18.66
N LYS B 96 -6.29 -13.08 -18.48
CA LYS B 96 -4.97 -12.51 -18.48
C LYS B 96 -4.89 -11.26 -17.64
N ILE B 97 -3.67 -10.75 -17.49
CA ILE B 97 -3.44 -9.53 -16.77
C ILE B 97 -2.86 -8.59 -17.80
N ILE B 98 -3.53 -7.45 -17.97
CA ILE B 98 -3.09 -6.45 -18.93
C ILE B 98 -2.21 -5.44 -18.21
N ILE B 99 -1.00 -5.24 -18.75
CA ILE B 99 -0.03 -4.29 -18.19
C ILE B 99 -0.02 -3.13 -19.16
N LYS B 100 -0.28 -1.93 -18.65
CA LYS B 100 -0.30 -0.72 -19.44
C LYS B 100 0.64 0.29 -18.80
N PHE B 101 1.45 0.95 -19.62
CA PHE B 101 2.38 1.97 -19.16
C PHE B 101 1.92 3.34 -19.65
N SER B 102 2.38 4.39 -19.00
CA SER B 102 1.98 5.74 -19.40
C SER B 102 2.50 6.04 -20.79
N SER B 103 3.47 5.25 -21.22
CA SER B 103 4.07 5.38 -22.53
C SER B 103 3.06 5.09 -23.62
N GLY B 104 1.96 4.44 -23.28
CA GLY B 104 0.99 4.09 -24.29
C GLY B 104 1.17 2.64 -24.69
N ASP B 105 2.24 2.01 -24.19
CA ASP B 105 2.52 0.60 -24.45
C ASP B 105 1.71 -0.31 -23.56
N GLN B 106 1.28 -1.41 -24.15
CA GLN B 106 0.45 -2.36 -23.44
C GLN B 106 0.75 -3.78 -23.85
N PHE B 107 0.55 -4.72 -22.92
CA PHE B 107 0.72 -6.13 -23.23
C PHE B 107 0.13 -6.89 -22.08
N SER B 108 -0.18 -8.16 -22.33
CA SER B 108 -0.75 -9.01 -21.31
C SER B 108 0.05 -10.28 -21.02
N PHE B 109 -0.26 -10.87 -19.88
CA PHE B 109 0.38 -12.08 -19.45
C PHE B 109 -0.77 -13.04 -19.22
N PRO B 110 -0.58 -14.35 -19.48
CA PRO B 110 -1.73 -15.20 -19.23
C PRO B 110 -1.85 -15.59 -17.75
N VAL B 111 -3.07 -15.71 -17.28
CA VAL B 111 -3.31 -16.12 -15.90
C VAL B 111 -3.15 -17.65 -15.86
N ARG B 112 -2.25 -18.15 -15.03
CA ARG B 112 -2.05 -19.59 -14.95
C ARG B 112 -2.80 -20.25 -13.78
N LYS B 113 -3.25 -19.45 -12.82
CA LYS B 113 -4.04 -19.94 -11.70
C LYS B 113 -5.06 -18.88 -11.42
N VAL B 114 -6.31 -19.15 -11.74
CA VAL B 114 -7.35 -18.16 -11.47
C VAL B 114 -7.54 -18.00 -9.97
N LEU B 115 -7.57 -16.75 -9.52
CA LEU B 115 -7.78 -16.46 -8.11
C LEU B 115 -9.08 -15.70 -8.04
N PRO B 116 -9.91 -15.98 -7.01
CA PRO B 116 -11.17 -15.24 -6.95
C PRO B 116 -10.82 -13.75 -6.71
N SER B 117 -9.67 -13.50 -6.06
CA SER B 117 -9.19 -12.16 -5.83
C SER B 117 -7.70 -12.31 -5.56
N ILE B 118 -6.91 -11.25 -5.79
CA ILE B 118 -5.46 -11.30 -5.54
C ILE B 118 -5.14 -10.59 -4.24
N PRO B 119 -4.65 -11.32 -3.23
CA PRO B 119 -4.31 -10.78 -1.91
C PRO B 119 -2.97 -10.09 -1.68
N PHE B 120 -1.94 -10.49 -2.41
CA PHE B 120 -0.60 -9.95 -2.18
C PHE B 120 0.01 -9.21 -3.37
N LEU B 121 0.79 -8.18 -3.04
CA LEU B 121 1.51 -7.38 -4.02
C LEU B 121 2.77 -6.90 -3.33
N SER B 122 3.91 -7.00 -4.01
CA SER B 122 5.16 -6.49 -3.45
C SER B 122 5.97 -5.85 -4.56
N LEU B 123 6.87 -4.95 -4.17
CA LEU B 123 7.73 -4.23 -5.10
C LEU B 123 9.15 -4.50 -4.68
N GLU B 124 10.09 -4.36 -5.60
CA GLU B 124 11.50 -4.56 -5.30
C GLU B 124 12.26 -3.54 -6.12
N GLY B 125 13.23 -2.89 -5.50
CA GLY B 125 14.04 -1.92 -6.22
C GLY B 125 13.30 -0.73 -6.78
N LEU B 126 12.02 -0.61 -6.45
CA LEU B 126 11.21 0.49 -6.91
C LEU B 126 10.78 1.34 -5.72
N ALA B 127 11.22 2.60 -5.67
CA ALA B 127 10.83 3.49 -4.58
C ALA B 127 9.37 3.91 -4.80
N PHE B 128 8.45 3.32 -4.04
CA PHE B 128 7.03 3.62 -4.22
C PHE B 128 6.58 5.06 -3.87
N LYS B 129 5.71 5.62 -4.72
CA LYS B 129 5.14 6.96 -4.53
C LYS B 129 3.69 6.83 -4.08
N SER B 130 2.89 6.10 -4.84
CA SER B 130 1.51 5.90 -4.53
C SER B 130 1.03 4.60 -5.16
N ILE B 131 0.04 3.97 -4.57
CA ILE B 131 -0.54 2.73 -5.08
C ILE B 131 -2.05 2.98 -5.08
N THR B 132 -2.74 2.67 -6.17
CA THR B 132 -4.17 2.93 -6.25
C THR B 132 -4.96 1.75 -6.78
N THR B 133 -6.24 1.64 -6.43
CA THR B 133 -7.03 0.53 -6.93
C THR B 133 -8.30 1.01 -7.57
N GLU B 134 -8.77 0.29 -8.59
CA GLU B 134 -9.98 0.63 -9.31
C GLU B 134 -10.66 -0.64 -9.83
#